data_5NGQ
#
_entry.id   5NGQ
#
_cell.length_a   94.708
_cell.length_b   45.875
_cell.length_c   88.218
_cell.angle_alpha   90.00
_cell.angle_beta   94.21
_cell.angle_gamma   90.00
#
_symmetry.space_group_name_H-M   'C 1 2 1'
#
loop_
_entity.id
_entity.type
_entity.pdbx_description
1 polymer 'Fucose-binding lectin II (PA-IIL)'
2 polymer DLS-PRO-ALD-CYS-TYD-ALA-CYD-LYS-ALA
3 polymer 'Fragment of bicycle'
4 non-polymer 'CALCIUM ION'
5 non-polymer '3,7-anhydro-2,8-dideoxy-L-glycero-D-gluco-octonic acid'
6 water water
#
loop_
_entity_poly.entity_id
_entity_poly.type
_entity_poly.pdbx_seq_one_letter_code
_entity_poly.pdbx_strand_id
1 'polypeptide(L)'
;ATQGVFTLPANTRFGVTAFANSSGTQTVNVLVNNETAATFSGQSTNNAVIGTQVLNSGSSGKVQVQVSVNGRPSDLVSAQ
VILTNELNFALVGSEDGTDNDYNDAVVVINWPLG
;
A,B,C,D
2 'polypeptide(L)' (DLS)P(DAL)C(DTY)A(DCY)KA E
3 'polypeptide(L)' KKKK F,G,H
#
# COMPACT_ATOMS: atom_id res chain seq x y z
N ALA A 1 5.75 0.88 17.01
CA ALA A 1 6.68 0.20 16.11
C ALA A 1 7.57 1.24 15.47
N THR A 2 8.77 0.82 15.12
CA THR A 2 9.66 1.70 14.36
C THR A 2 9.00 2.11 13.05
N GLN A 3 9.17 3.39 12.69
CA GLN A 3 8.65 3.93 11.46
C GLN A 3 9.77 4.72 10.77
N GLY A 4 9.65 4.85 9.45
CA GLY A 4 10.62 5.63 8.67
C GLY A 4 11.92 4.89 8.37
N VAL A 5 11.98 3.58 8.60
CA VAL A 5 13.15 2.77 8.27
C VAL A 5 12.77 1.80 7.17
N PHE A 6 13.58 1.72 6.11
CA PHE A 6 13.28 0.88 4.97
C PHE A 6 14.54 0.13 4.56
N THR A 7 14.40 -1.15 4.26
CA THR A 7 15.50 -1.92 3.67
C THR A 7 15.34 -1.95 2.16
N LEU A 8 16.24 -1.29 1.47
CA LEU A 8 16.25 -1.29 0.03
C LEU A 8 17.20 -2.37 -0.45
N PRO A 9 17.09 -2.78 -1.71
CA PRO A 9 18.16 -3.60 -2.29
C PRO A 9 19.47 -2.83 -2.22
N ALA A 10 20.57 -3.55 -2.02
CA ALA A 10 21.87 -2.89 -1.91
C ALA A 10 22.27 -2.29 -3.26
N ASN A 11 23.12 -1.25 -3.21
CA ASN A 11 23.73 -0.67 -4.40
C ASN A 11 22.68 -0.26 -5.43
N THR A 12 21.61 0.38 -4.96
CA THR A 12 20.49 0.75 -5.81
C THR A 12 20.19 2.23 -5.61
N ARG A 13 20.08 2.96 -6.71
CA ARG A 13 19.68 4.34 -6.60
C ARG A 13 18.20 4.45 -6.25
N PHE A 14 17.87 5.51 -5.53
CA PHE A 14 16.49 5.79 -5.18
C PHE A 14 16.30 7.29 -5.14
N GLY A 15 15.08 7.73 -5.38
CA GLY A 15 14.73 9.12 -5.23
C GLY A 15 14.16 9.38 -3.86
N VAL A 16 14.44 10.56 -3.32
CA VAL A 16 13.80 11.00 -2.08
C VAL A 16 13.32 12.43 -2.31
N THR A 17 12.05 12.69 -1.96
CA THR A 17 11.41 13.98 -2.17
C THR A 17 10.62 14.33 -0.93
N ALA A 18 10.79 15.55 -0.43
CA ALA A 18 10.13 15.98 0.80
C ALA A 18 9.27 17.20 0.51
N PHE A 19 8.06 17.19 1.08
CA PHE A 19 7.08 18.25 0.95
C PHE A 19 6.77 18.78 2.33
N ALA A 20 6.44 20.06 2.43
CA ALA A 20 6.11 20.64 3.73
C ALA A 20 4.67 21.15 3.74
N ASN A 21 3.99 20.94 4.90
CA ASN A 21 2.62 21.40 5.09
C ASN A 21 2.43 21.77 6.56
N SER A 22 3.02 22.87 7.01
CA SER A 22 3.00 23.22 8.42
C SER A 22 3.49 24.66 8.58
N SER A 23 3.08 25.28 9.68
CA SER A 23 3.67 26.56 10.06
C SER A 23 5.14 26.46 10.40
N GLY A 24 5.64 25.27 10.78
CA GLY A 24 7.00 25.13 11.28
C GLY A 24 8.00 24.78 10.20
N THR A 25 9.22 25.26 10.38
CA THR A 25 10.32 24.87 9.50
C THR A 25 10.63 23.41 9.73
N GLN A 26 10.50 22.63 8.66
CA GLN A 26 10.73 21.20 8.71
C GLN A 26 12.18 20.92 8.37
N THR A 27 12.81 20.01 9.11
CA THR A 27 14.11 19.48 8.73
C THR A 27 14.00 17.97 8.54
N VAL A 28 14.30 17.51 7.33
CA VAL A 28 14.22 16.10 6.97
C VAL A 28 15.64 15.58 6.77
N ASN A 29 16.01 14.57 7.56
CA ASN A 29 17.31 13.92 7.42
C ASN A 29 17.09 12.55 6.81
N VAL A 30 17.90 12.20 5.83
CA VAL A 30 17.87 10.88 5.22
C VAL A 30 19.21 10.23 5.52
N LEU A 31 19.18 9.13 6.24
CA LEU A 31 20.37 8.39 6.62
C LEU A 31 20.46 7.15 5.74
N VAL A 32 21.66 6.85 5.27
CA VAL A 32 21.94 5.61 4.55
C VAL A 32 23.07 4.93 5.30
N ASN A 33 22.85 3.67 5.71
CA ASN A 33 23.83 2.94 6.54
C ASN A 33 24.21 3.75 7.78
N ASN A 34 23.22 4.42 8.36
CA ASN A 34 23.31 5.15 9.62
C ASN A 34 24.13 6.43 9.53
N GLU A 35 24.39 6.92 8.32
CA GLU A 35 25.13 8.15 8.13
C GLU A 35 24.27 9.09 7.30
N THR A 36 24.28 10.37 7.67
CA THR A 36 23.45 11.32 6.95
C THR A 36 23.89 11.41 5.49
N ALA A 37 22.95 11.20 4.59
CA ALA A 37 23.16 11.27 3.15
C ALA A 37 22.50 12.49 2.52
N ALA A 38 21.46 13.05 3.13
CA ALA A 38 20.82 14.25 2.63
C ALA A 38 20.06 14.90 3.77
N THR A 39 20.00 16.22 3.74
CA THR A 39 19.22 16.99 4.69
C THR A 39 18.49 18.08 3.94
N PHE A 40 17.20 18.24 4.20
CA PHE A 40 16.41 19.28 3.59
C PHE A 40 15.73 20.08 4.67
N SER A 41 15.72 21.41 4.54
CA SER A 41 14.96 22.25 5.46
C SER A 41 14.19 23.33 4.70
N GLY A 42 12.94 23.56 5.14
CA GLY A 42 12.15 24.61 4.54
C GLY A 42 10.79 24.66 5.20
N GLN A 43 9.98 25.62 4.76
CA GLN A 43 8.68 25.84 5.36
C GLN A 43 7.68 26.13 4.25
N SER A 44 6.50 25.52 4.36
CA SER A 44 5.41 25.75 3.44
C SER A 44 4.13 25.22 4.09
N THR A 45 3.01 25.89 3.83
CA THR A 45 1.70 25.34 4.10
C THR A 45 0.98 24.94 2.82
N ASN A 46 1.72 24.85 1.70
CA ASN A 46 1.15 24.57 0.39
C ASN A 46 1.88 23.45 -0.33
N ASN A 47 2.42 22.47 0.42
CA ASN A 47 3.01 21.27 -0.16
C ASN A 47 4.24 21.56 -1.01
N ALA A 48 4.95 22.66 -0.75
CA ALA A 48 6.16 22.93 -1.53
C ALA A 48 7.18 21.83 -1.35
N VAL A 49 7.91 21.51 -2.42
CA VAL A 49 9.03 20.58 -2.34
C VAL A 49 10.20 21.29 -1.66
N ILE A 50 10.58 20.82 -0.48
CA ILE A 50 11.71 21.38 0.26
C ILE A 50 13.01 20.66 -0.07
N GLY A 51 12.94 19.53 -0.77
CA GLY A 51 14.15 18.92 -1.30
C GLY A 51 13.79 17.74 -2.16
N THR A 52 14.62 17.45 -3.15
CA THR A 52 14.48 16.22 -3.92
C THR A 52 15.89 15.85 -4.36
N GLN A 53 16.24 14.58 -4.27
CA GLN A 53 17.61 14.16 -4.55
C GLN A 53 17.60 12.70 -4.94
N VAL A 54 18.58 12.32 -5.75
CA VAL A 54 18.87 10.93 -6.03
C VAL A 54 19.97 10.49 -5.10
N LEU A 55 19.76 9.37 -4.39
CA LEU A 55 20.74 8.81 -3.47
C LEU A 55 21.03 7.38 -3.85
N ASN A 56 22.07 6.81 -3.24
CA ASN A 56 22.40 5.41 -3.40
C ASN A 56 22.16 4.68 -2.09
N SER A 57 21.58 3.49 -2.18
CA SER A 57 21.29 2.71 -0.99
C SER A 57 22.55 2.13 -0.37
N GLY A 58 23.68 2.21 -1.09
CA GLY A 58 24.95 1.82 -0.56
C GLY A 58 25.09 0.33 -0.38
N SER A 59 26.19 -0.05 0.26
CA SER A 59 26.40 -1.48 0.44
C SER A 59 25.42 -2.11 1.42
N SER A 60 24.77 -1.31 2.27
CA SER A 60 23.89 -1.88 3.29
C SER A 60 22.42 -1.90 2.88
N GLY A 61 21.96 -1.00 2.03
CA GLY A 61 20.53 -0.91 1.78
C GLY A 61 19.66 -0.28 2.87
N LYS A 62 20.21 0.08 4.02
CA LYS A 62 19.40 0.61 5.11
C LYS A 62 19.18 2.10 4.94
N VAL A 63 17.91 2.52 4.83
CA VAL A 63 17.55 3.92 4.66
C VAL A 63 16.64 4.32 5.80
N GLN A 64 16.93 5.44 6.45
CA GLN A 64 16.08 5.94 7.53
C GLN A 64 15.77 7.40 7.30
N VAL A 65 14.51 7.79 7.50
CA VAL A 65 14.06 9.17 7.42
C VAL A 65 13.76 9.65 8.83
N GLN A 66 14.28 10.81 9.18
CA GLN A 66 13.96 11.47 10.43
C GLN A 66 13.45 12.88 10.11
N VAL A 67 12.53 13.37 10.92
CA VAL A 67 11.97 14.72 10.74
C VAL A 67 11.96 15.43 12.08
N SER A 68 12.40 16.68 12.08
CA SER A 68 12.30 17.51 13.28
C SER A 68 11.88 18.93 12.91
N VAL A 69 11.35 19.61 13.91
CA VAL A 69 10.83 20.97 13.77
C VAL A 69 11.30 21.74 15.00
N ASN A 70 12.07 22.81 14.78
CA ASN A 70 12.63 23.58 15.90
C ASN A 70 13.42 22.68 16.84
N GLY A 71 14.11 21.67 16.30
CA GLY A 71 14.87 20.71 17.09
C GLY A 71 14.07 19.58 17.73
N ARG A 72 12.79 19.56 17.57
CA ARG A 72 12.01 18.52 18.24
C ARG A 72 11.62 17.44 17.25
N PRO A 73 11.87 16.16 17.55
CA PRO A 73 11.51 15.10 16.58
C PRO A 73 10.01 15.00 16.41
N SER A 74 9.60 14.86 15.16
CA SER A 74 8.20 14.66 14.83
C SER A 74 7.85 13.18 14.94
N ASP A 75 6.58 12.90 15.22
CA ASP A 75 6.12 11.51 15.21
C ASP A 75 5.91 11.06 13.78
N LEU A 76 6.42 9.88 13.43
CA LEU A 76 6.36 9.41 12.05
C LEU A 76 5.35 8.29 11.83
N VAL A 77 4.82 8.20 10.62
CA VAL A 77 4.09 7.04 10.14
C VAL A 77 4.65 6.69 8.77
N SER A 78 4.66 5.39 8.44
CA SER A 78 5.30 5.00 7.19
C SER A 78 4.78 3.66 6.72
N ALA A 79 5.00 3.37 5.44
CA ALA A 79 4.74 2.06 4.87
C ALA A 79 5.48 1.97 3.54
N GLN A 80 5.62 0.76 3.02
CA GLN A 80 6.14 0.54 1.68
C GLN A 80 5.08 -0.17 0.84
N VAL A 81 4.92 0.25 -0.41
CA VAL A 81 3.97 -0.36 -1.33
C VAL A 81 4.74 -0.73 -2.59
N ILE A 82 4.41 -1.91 -3.16
CA ILE A 82 5.04 -2.38 -4.38
C ILE A 82 3.95 -2.67 -5.41
N LEU A 83 4.07 -2.06 -6.58
CA LEU A 83 3.13 -2.24 -7.67
C LEU A 83 3.74 -3.09 -8.75
N THR A 84 2.92 -3.99 -9.31
CA THR A 84 3.32 -4.97 -10.34
C THR A 84 4.67 -5.61 -10.03
N ASN A 85 4.89 -5.90 -8.74
CA ASN A 85 6.03 -6.69 -8.28
C ASN A 85 7.37 -6.06 -8.68
N GLU A 86 7.38 -4.72 -8.84
CA GLU A 86 8.53 -4.06 -9.42
C GLU A 86 8.72 -2.64 -8.92
N LEU A 87 7.66 -1.85 -8.86
CA LEU A 87 7.77 -0.43 -8.60
C LEU A 87 7.53 -0.17 -7.12
N ASN A 88 8.53 0.40 -6.46
CA ASN A 88 8.52 0.54 -5.02
C ASN A 88 8.32 1.98 -4.58
N PHE A 89 7.48 2.17 -3.56
CA PHE A 89 7.29 3.44 -2.87
C PHE A 89 7.49 3.22 -1.38
N ALA A 90 8.34 4.03 -0.76
CA ALA A 90 8.47 4.08 0.69
C ALA A 90 7.98 5.44 1.11
N LEU A 91 6.97 5.46 1.98
CA LEU A 91 6.19 6.67 2.23
C LEU A 91 6.27 7.02 3.70
N VAL A 92 6.44 8.32 4.00
CA VAL A 92 6.55 8.78 5.37
C VAL A 92 5.68 10.01 5.54
N GLY A 93 4.90 10.02 6.62
CA GLY A 93 4.26 11.23 7.09
C GLY A 93 4.78 11.59 8.46
N SER A 94 4.54 12.81 8.89
CA SER A 94 5.06 13.20 10.19
C SER A 94 4.16 14.25 10.79
N GLU A 95 4.12 14.28 12.12
CA GLU A 95 3.27 15.20 12.85
C GLU A 95 4.10 15.99 13.85
N ASP A 96 3.97 17.32 13.77
CA ASP A 96 4.75 18.23 14.62
C ASP A 96 3.90 18.90 15.70
N GLY A 97 2.60 18.58 15.77
CA GLY A 97 1.66 19.32 16.61
C GLY A 97 0.55 18.43 17.10
N THR A 98 -0.65 18.96 17.16
CA THR A 98 -1.76 18.29 17.82
C THR A 98 -2.90 17.94 16.89
N ASP A 99 -2.88 18.39 15.64
CA ASP A 99 -4.03 18.16 14.78
C ASP A 99 -4.03 16.78 14.12
N ASN A 100 -2.90 16.09 14.12
CA ASN A 100 -2.80 14.73 13.62
C ASN A 100 -3.15 14.62 12.14
N ASP A 101 -2.78 15.65 11.35
CA ASP A 101 -2.86 15.50 9.90
C ASP A 101 -1.68 14.70 9.31
N TYR A 102 -0.57 14.59 10.04
CA TYR A 102 0.56 13.76 9.62
C TYR A 102 1.13 14.15 8.27
N ASN A 103 0.95 15.40 7.86
CA ASN A 103 1.47 15.88 6.58
C ASN A 103 2.52 16.96 6.73
N ASP A 104 2.97 17.18 7.96
CA ASP A 104 3.76 18.38 8.22
C ASP A 104 5.06 18.37 7.44
N ALA A 105 5.73 17.22 7.38
CA ALA A 105 6.64 16.89 6.31
C ALA A 105 6.20 15.54 5.78
N VAL A 106 6.11 15.42 4.46
CA VAL A 106 5.75 14.19 3.77
C VAL A 106 6.97 13.82 2.96
N VAL A 107 7.40 12.56 3.04
CA VAL A 107 8.60 12.12 2.34
C VAL A 107 8.23 10.92 1.48
N VAL A 108 8.62 10.99 0.20
CA VAL A 108 8.37 9.92 -0.75
C VAL A 108 9.70 9.42 -1.26
N ILE A 109 9.94 8.12 -1.11
CA ILE A 109 11.12 7.44 -1.64
C ILE A 109 10.65 6.50 -2.72
N ASN A 110 11.30 6.54 -3.89
CA ASN A 110 10.87 5.68 -4.98
C ASN A 110 12.07 4.99 -5.63
N TRP A 111 11.86 3.74 -6.04
CA TRP A 111 12.87 3.02 -6.82
C TRP A 111 12.15 1.91 -7.56
N PRO A 112 12.76 1.32 -8.59
CA PRO A 112 14.04 1.70 -9.20
C PRO A 112 13.95 2.98 -10.00
N LEU A 113 15.12 3.55 -10.30
CA LEU A 113 15.23 4.69 -11.18
C LEU A 113 15.74 4.19 -12.53
N GLY A 114 15.81 5.12 -13.49
CA GLY A 114 16.44 4.83 -14.77
C GLY A 114 15.52 4.31 -15.87
N ALA B 1 1.61 7.38 16.35
CA ALA B 1 0.31 7.67 15.75
C ALA B 1 -0.64 6.56 16.09
N THR B 2 -1.93 6.88 16.12
CA THR B 2 -2.94 5.84 16.32
C THR B 2 -2.86 4.82 15.19
N GLN B 3 -3.00 3.55 15.57
CA GLN B 3 -3.03 2.45 14.63
C GLN B 3 -4.23 1.56 14.93
N GLY B 4 -4.67 0.83 13.90
CA GLY B 4 -5.75 -0.12 14.03
C GLY B 4 -7.13 0.49 14.01
N VAL B 5 -7.27 1.77 13.64
CA VAL B 5 -8.55 2.44 13.53
C VAL B 5 -8.77 2.80 12.07
N PHE B 6 -9.95 2.47 11.56
CA PHE B 6 -10.25 2.69 10.15
C PHE B 6 -11.64 3.28 10.03
N THR B 7 -11.80 4.24 9.12
CA THR B 7 -13.12 4.78 8.78
C THR B 7 -13.60 4.12 7.49
N LEU B 8 -14.64 3.30 7.61
CA LEU B 8 -15.24 2.67 6.44
C LEU B 8 -16.41 3.52 5.99
N PRO B 9 -16.86 3.36 4.75
CA PRO B 9 -18.14 3.94 4.38
C PRO B 9 -19.23 3.43 5.31
N ALA B 10 -20.22 4.29 5.61
CA ALA B 10 -21.25 3.90 6.56
C ALA B 10 -22.07 2.74 6.02
N ASN B 11 -22.56 1.90 6.94
CA ASN B 11 -23.55 0.85 6.62
C ASN B 11 -23.07 -0.08 5.52
N THR B 12 -21.83 -0.49 5.62
CA THR B 12 -21.21 -1.31 4.60
C THR B 12 -20.75 -2.62 5.22
N ARG B 13 -21.07 -3.72 4.56
CA ARG B 13 -20.62 -5.00 5.05
C ARG B 13 -19.15 -5.17 4.77
N PHE B 14 -18.43 -5.79 5.70
CA PHE B 14 -17.01 -6.01 5.53
C PHE B 14 -16.64 -7.32 6.22
N GLY B 15 -15.58 -7.95 5.73
CA GLY B 15 -15.01 -9.12 6.38
C GLY B 15 -13.90 -8.70 7.32
N VAL B 16 -13.77 -9.44 8.43
CA VAL B 16 -12.62 -9.33 9.30
C VAL B 16 -12.10 -10.73 9.60
N THR B 17 -10.80 -10.93 9.47
CA THR B 17 -10.18 -12.24 9.61
C THR B 17 -8.87 -12.08 10.38
N ALA B 18 -8.60 -12.98 11.33
CA ALA B 18 -7.39 -12.88 12.15
C ALA B 18 -6.59 -14.18 12.06
N PHE B 19 -5.28 -14.02 12.04
CA PHE B 19 -4.30 -15.09 11.93
C PHE B 19 -3.37 -14.98 13.12
N ALA B 20 -2.88 -16.12 13.64
CA ALA B 20 -1.97 -16.14 14.78
C ALA B 20 -0.60 -16.71 14.41
N ASN B 21 0.47 -16.08 14.92
CA ASN B 21 1.84 -16.57 14.70
C ASN B 21 2.67 -16.23 15.94
N SER B 22 2.46 -16.95 17.04
CA SER B 22 3.13 -16.65 18.29
C SER B 22 2.93 -17.80 19.23
N SER B 23 3.87 -17.97 20.16
CA SER B 23 3.63 -18.87 21.28
C SER B 23 2.58 -18.33 22.25
N GLY B 24 2.35 -17.02 22.25
CA GLY B 24 1.34 -16.44 23.14
C GLY B 24 -0.05 -16.57 22.55
N THR B 25 -1.02 -16.84 23.43
CA THR B 25 -2.42 -16.92 23.01
C THR B 25 -2.91 -15.53 22.65
N GLN B 26 -3.37 -15.34 21.43
CA GLN B 26 -3.82 -14.03 20.98
C GLN B 26 -5.30 -13.86 21.26
N THR B 27 -5.69 -12.64 21.56
CA THR B 27 -7.10 -12.25 21.64
C THR B 27 -7.26 -11.02 20.77
N VAL B 28 -8.18 -11.07 19.82
CA VAL B 28 -8.44 -9.98 18.90
C VAL B 28 -9.86 -9.49 19.13
N ASN B 29 -10.01 -8.21 19.44
CA ASN B 29 -11.32 -7.60 19.57
C ASN B 29 -11.54 -6.63 18.43
N VAL B 30 -12.73 -6.68 17.84
CA VAL B 30 -13.12 -5.77 16.77
C VAL B 30 -14.27 -4.95 17.28
N LEU B 31 -14.12 -3.64 17.27
CA LEU B 31 -15.13 -2.72 17.77
C LEU B 31 -15.68 -1.98 16.56
N VAL B 32 -17.00 -1.89 16.49
CA VAL B 32 -17.69 -1.14 15.47
C VAL B 32 -18.47 -0.05 16.19
N ASN B 33 -18.18 1.20 15.85
CA ASN B 33 -18.71 2.37 16.57
C ASN B 33 -18.58 2.20 18.07
N ASN B 34 -17.43 1.73 18.51
CA ASN B 34 -17.06 1.56 19.91
C ASN B 34 -17.84 0.46 20.64
N GLU B 35 -18.59 -0.39 19.93
CA GLU B 35 -19.20 -1.55 20.58
C GLU B 35 -18.50 -2.82 20.13
N THR B 36 -18.36 -3.78 21.03
CA THR B 36 -17.65 -5.00 20.69
C THR B 36 -18.51 -5.80 19.71
N ALA B 37 -17.97 -5.98 18.50
CA ALA B 37 -18.67 -6.70 17.45
C ALA B 37 -18.15 -8.11 17.24
N ALA B 38 -16.89 -8.39 17.57
CA ALA B 38 -16.36 -9.72 17.39
C ALA B 38 -15.17 -9.85 18.33
N THR B 39 -14.94 -11.07 18.80
CA THR B 39 -13.77 -11.41 19.59
C THR B 39 -13.27 -12.75 19.11
N PHE B 40 -12.00 -12.83 18.75
CA PHE B 40 -11.39 -14.09 18.35
C PHE B 40 -10.22 -14.40 19.25
N SER B 41 -9.91 -15.68 19.42
CA SER B 41 -8.73 -16.04 20.20
C SER B 41 -8.18 -17.36 19.72
N GLY B 42 -6.88 -17.55 19.85
CA GLY B 42 -6.28 -18.84 19.57
C GLY B 42 -4.78 -18.75 19.76
N GLN B 43 -4.10 -19.86 19.49
CA GLN B 43 -2.65 -19.94 19.70
C GLN B 43 -2.07 -20.83 18.60
N SER B 44 -1.27 -20.26 17.71
CA SER B 44 -0.67 -20.98 16.61
C SER B 44 0.62 -20.27 16.25
N THR B 45 1.65 -21.05 15.90
CA THR B 45 2.84 -20.52 15.24
C THR B 45 2.85 -20.86 13.74
N ASN B 46 1.67 -21.09 13.16
CA ASN B 46 1.57 -21.49 11.77
C ASN B 46 0.36 -20.85 11.11
N ASN B 47 0.03 -19.61 11.49
CA ASN B 47 -0.90 -18.78 10.73
C ASN B 47 -2.36 -19.26 10.81
N ALA B 48 -2.74 -19.94 11.89
CA ALA B 48 -4.14 -20.37 12.04
C ALA B 48 -5.09 -19.19 11.91
N VAL B 49 -6.21 -19.43 11.24
CA VAL B 49 -7.30 -18.46 11.07
C VAL B 49 -8.20 -18.59 12.30
N ILE B 50 -7.83 -17.86 13.36
CA ILE B 50 -8.50 -17.97 14.64
C ILE B 50 -9.90 -17.40 14.61
N GLY B 51 -10.21 -16.57 13.61
CA GLY B 51 -11.57 -16.11 13.48
C GLY B 51 -11.77 -15.44 12.13
N THR B 52 -12.99 -15.53 11.60
CA THR B 52 -13.39 -14.76 10.44
C THR B 52 -14.86 -14.46 10.61
N GLN B 53 -15.30 -13.25 10.24
CA GLN B 53 -16.68 -12.85 10.48
C GLN B 53 -17.04 -11.74 9.50
N VAL B 54 -18.32 -11.68 9.14
CA VAL B 54 -18.86 -10.59 8.35
C VAL B 54 -19.56 -9.64 9.30
N LEU B 55 -19.18 -8.37 9.28
CA LEU B 55 -19.75 -7.34 10.12
C LEU B 55 -20.29 -6.23 9.23
N ASN B 56 -20.97 -5.28 9.85
CA ASN B 56 -21.48 -4.12 9.14
C ASN B 56 -20.93 -2.89 9.84
N SER B 57 -20.38 -1.96 9.06
CA SER B 57 -19.72 -0.79 9.60
C SER B 57 -20.67 0.16 10.30
N GLY B 58 -21.98 0.00 10.10
CA GLY B 58 -22.97 0.75 10.86
C GLY B 58 -23.01 2.24 10.55
N SER B 59 -23.68 2.94 11.46
CA SER B 59 -24.05 4.32 11.18
C SER B 59 -22.84 5.24 11.04
N SER B 60 -21.73 4.96 11.74
CA SER B 60 -20.55 5.84 11.74
C SER B 60 -19.40 5.32 10.89
N GLY B 61 -19.37 4.03 10.57
CA GLY B 61 -18.26 3.47 9.82
C GLY B 61 -16.97 3.31 10.59
N LYS B 62 -16.95 3.55 11.90
CA LYS B 62 -15.70 3.46 12.65
C LYS B 62 -15.43 2.02 13.04
N VAL B 63 -14.26 1.49 12.66
CA VAL B 63 -13.85 0.14 13.00
C VAL B 63 -12.50 0.21 13.70
N GLN B 64 -12.39 -0.45 14.84
CA GLN B 64 -11.15 -0.49 15.57
C GLN B 64 -10.79 -1.93 15.90
N VAL B 65 -9.53 -2.28 15.68
CA VAL B 65 -8.98 -3.57 16.03
C VAL B 65 -8.07 -3.43 17.23
N GLN B 66 -8.27 -4.28 18.22
CA GLN B 66 -7.39 -4.35 19.39
C GLN B 66 -6.85 -5.77 19.51
N VAL B 67 -5.60 -5.91 19.95
CA VAL B 67 -4.99 -7.23 20.13
C VAL B 67 -4.34 -7.28 21.51
N SER B 68 -4.55 -8.36 22.23
CA SER B 68 -3.92 -8.54 23.52
C SER B 68 -3.49 -10.00 23.70
N VAL B 69 -2.57 -10.20 24.63
CA VAL B 69 -2.11 -11.53 25.00
C VAL B 69 -2.23 -11.62 26.52
N ASN B 70 -3.13 -12.48 27.01
CA ASN B 70 -3.35 -12.62 28.46
C ASN B 70 -3.49 -11.25 29.13
N GLY B 71 -4.28 -10.38 28.51
CA GLY B 71 -4.57 -9.08 29.07
C GLY B 71 -3.60 -7.98 28.68
N ARG B 72 -2.48 -8.31 28.04
CA ARG B 72 -1.47 -7.31 27.69
C ARG B 72 -1.70 -6.81 26.27
N PRO B 73 -2.05 -5.54 26.07
CA PRO B 73 -2.21 -5.06 24.69
C PRO B 73 -0.92 -5.18 23.89
N SER B 74 -1.04 -5.69 22.66
CA SER B 74 0.12 -5.73 21.76
C SER B 74 0.28 -4.38 21.05
N ASP B 75 1.51 -4.12 20.58
CA ASP B 75 1.77 -2.91 19.80
C ASP B 75 1.28 -3.14 18.38
N LEU B 76 0.53 -2.20 17.83
CA LEU B 76 -0.09 -2.38 16.52
C LEU B 76 0.61 -1.56 15.43
N VAL B 77 0.54 -2.06 14.21
CA VAL B 77 0.87 -1.33 13.00
C VAL B 77 -0.26 -1.58 12.01
N SER B 78 -0.58 -0.58 11.17
CA SER B 78 -1.72 -0.75 10.28
C SER B 78 -1.61 0.18 9.08
N ALA B 79 -2.42 -0.10 8.08
CA ALA B 79 -2.57 0.76 6.89
C ALA B 79 -3.81 0.30 6.14
N GLN B 80 -4.32 1.15 5.26
CA GLN B 80 -5.38 0.76 4.34
C GLN B 80 -4.88 0.94 2.92
N VAL B 81 -5.26 0.00 2.05
CA VAL B 81 -4.88 0.06 0.65
C VAL B 81 -6.13 -0.15 -0.20
N ILE B 82 -6.18 0.57 -1.32
CA ILE B 82 -7.33 0.53 -2.21
C ILE B 82 -6.81 0.22 -3.61
N LEU B 83 -7.37 -0.83 -4.22
CA LEU B 83 -6.99 -1.27 -5.56
C LEU B 83 -8.13 -0.93 -6.52
N THR B 84 -7.74 -0.51 -7.74
CA THR B 84 -8.64 -0.09 -8.81
C THR B 84 -9.78 0.81 -8.28
N ASN B 85 -9.44 1.67 -7.33
CA ASN B 85 -10.35 2.70 -6.82
C ASN B 85 -11.62 2.12 -6.20
N GLU B 86 -11.60 0.84 -5.77
CA GLU B 86 -12.81 0.18 -5.32
C GLU B 86 -12.59 -0.92 -4.28
N LEU B 87 -11.54 -1.70 -4.38
CA LEU B 87 -11.35 -2.89 -3.54
C LEU B 87 -10.45 -2.49 -2.38
N ASN B 88 -10.97 -2.60 -1.16
CA ASN B 88 -10.34 -2.05 0.02
C ASN B 88 -9.83 -3.14 0.93
N PHE B 89 -8.65 -2.93 1.49
CA PHE B 89 -8.07 -3.77 2.53
C PHE B 89 -7.60 -2.88 3.67
N ALA B 90 -8.00 -3.21 4.89
CA ALA B 90 -7.43 -2.57 6.07
C ALA B 90 -6.63 -3.64 6.79
N LEU B 91 -5.38 -3.33 7.09
CA LEU B 91 -4.40 -4.33 7.48
C LEU B 91 -3.85 -3.97 8.84
N VAL B 92 -3.70 -4.99 9.70
CA VAL B 92 -3.14 -4.80 11.03
C VAL B 92 -2.10 -5.88 11.31
N GLY B 93 -0.94 -5.48 11.81
CA GLY B 93 -0.01 -6.40 12.43
C GLY B 93 0.15 -6.05 13.90
N SER B 94 0.73 -6.97 14.68
CA SER B 94 0.85 -6.71 16.11
C SER B 94 2.03 -7.49 16.66
N GLU B 95 2.62 -6.94 17.72
CA GLU B 95 3.83 -7.49 18.33
C GLU B 95 3.57 -7.65 19.83
N ASP B 96 3.75 -8.89 20.31
CA ASP B 96 3.53 -9.22 21.72
C ASP B 96 4.81 -9.39 22.51
N GLY B 97 5.97 -9.19 21.87
CA GLY B 97 7.23 -9.49 22.52
C GLY B 97 8.34 -8.58 22.04
N THR B 98 9.49 -9.19 21.76
CA THR B 98 10.71 -8.44 21.52
C THR B 98 11.31 -8.66 20.15
N ASP B 99 10.86 -9.66 19.38
CA ASP B 99 11.51 -9.95 18.10
C ASP B 99 11.05 -9.04 16.97
N ASN B 100 9.96 -8.31 17.16
CA ASN B 100 9.47 -7.34 16.19
C ASN B 100 9.20 -7.95 14.82
N ASP B 101 8.66 -9.17 14.81
CA ASP B 101 8.13 -9.70 13.55
C ASP B 101 6.74 -9.15 13.22
N TYR B 102 6.01 -8.63 14.21
CA TYR B 102 4.72 -7.95 14.00
C TYR B 102 3.67 -8.84 13.35
N ASN B 103 3.83 -10.15 13.48
CA ASN B 103 2.90 -11.10 12.88
C ASN B 103 2.13 -11.88 13.95
N ASP B 104 2.25 -11.49 15.21
CA ASP B 104 1.81 -12.35 16.30
C ASP B 104 0.29 -12.55 16.26
N ALA B 105 -0.44 -11.47 15.97
CA ALA B 105 -1.78 -11.55 15.39
C ALA B 105 -1.79 -10.62 14.19
N VAL B 106 -2.28 -11.10 13.06
CA VAL B 106 -2.42 -10.33 11.84
C VAL B 106 -3.92 -10.25 11.56
N VAL B 107 -4.43 -9.08 11.25
CA VAL B 107 -5.85 -8.93 10.99
C VAL B 107 -6.03 -8.27 9.63
N VAL B 108 -6.91 -8.83 8.81
CA VAL B 108 -7.25 -8.28 7.51
C VAL B 108 -8.73 -7.99 7.48
N ILE B 109 -9.08 -6.77 7.11
CA ILE B 109 -10.46 -6.35 6.88
C ILE B 109 -10.61 -6.07 5.39
N ASN B 110 -11.69 -6.55 4.78
CA ASN B 110 -11.85 -6.38 3.34
C ASN B 110 -13.27 -5.95 3.01
N TRP B 111 -13.42 -5.06 2.04
CA TRP B 111 -14.72 -4.70 1.53
C TRP B 111 -14.52 -4.14 0.12
N PRO B 112 -15.57 -4.06 -0.70
CA PRO B 112 -16.93 -4.53 -0.45
C PRO B 112 -17.03 -6.04 -0.55
N LEU B 113 -18.14 -6.55 -0.02
CA LEU B 113 -18.49 -7.96 -0.11
C LEU B 113 -19.59 -8.16 -1.14
N GLY B 114 -19.92 -9.42 -1.41
CA GLY B 114 -21.08 -9.72 -2.25
C GLY B 114 -20.78 -9.89 -3.72
N ALA C 1 -7.88 -4.19 -15.10
CA ALA C 1 -8.78 -3.27 -14.37
C ALA C 1 -8.35 -1.85 -14.66
N THR C 2 -9.26 -0.89 -14.49
CA THR C 2 -8.90 0.50 -14.66
C THR C 2 -7.81 0.88 -13.66
N GLN C 3 -6.88 1.70 -14.12
CA GLN C 3 -5.80 2.22 -13.29
C GLN C 3 -5.67 3.72 -13.51
N GLY C 4 -5.15 4.41 -12.49
CA GLY C 4 -4.89 5.83 -12.62
C GLY C 4 -6.08 6.72 -12.36
N VAL C 5 -7.18 6.17 -11.85
CA VAL C 5 -8.35 6.95 -11.48
C VAL C 5 -8.57 6.85 -9.97
N PHE C 6 -8.78 7.97 -9.33
CA PHE C 6 -8.93 7.99 -7.88
C PHE C 6 -10.09 8.88 -7.46
N THR C 7 -10.83 8.46 -6.45
CA THR C 7 -11.88 9.29 -5.87
C THR C 7 -11.33 9.96 -4.62
N LEU C 8 -11.18 11.25 -4.67
CA LEU C 8 -10.75 12.00 -3.52
C LEU C 8 -11.95 12.59 -2.82
N PRO C 9 -11.81 12.97 -1.55
CA PRO C 9 -12.89 13.74 -0.92
C PRO C 9 -13.11 15.03 -1.70
N ALA C 10 -14.37 15.47 -1.75
CA ALA C 10 -14.69 16.69 -2.48
C ALA C 10 -14.06 17.92 -1.83
N ASN C 11 -13.81 18.91 -2.67
CA ASN C 11 -13.38 20.25 -2.24
C ASN C 11 -12.15 20.19 -1.34
N THR C 12 -11.19 19.38 -1.72
CA THR C 12 -9.99 19.15 -0.93
C THR C 12 -8.77 19.45 -1.78
N ARG C 13 -7.86 20.27 -1.26
CA ARG C 13 -6.61 20.49 -1.98
C ARG C 13 -5.76 19.23 -1.92
N PHE C 14 -5.02 18.97 -3.01
CA PHE C 14 -4.10 17.84 -3.05
C PHE C 14 -2.88 18.25 -3.86
N GLY C 15 -1.77 17.56 -3.61
CA GLY C 15 -0.56 17.76 -4.39
C GLY C 15 -0.45 16.67 -5.42
N VAL C 16 0.13 17.01 -6.57
CA VAL C 16 0.45 16.02 -7.60
C VAL C 16 1.86 16.30 -8.08
N THR C 17 2.70 15.26 -8.14
CA THR C 17 4.11 15.37 -8.47
C THR C 17 4.48 14.23 -9.42
N ALA C 18 5.20 14.57 -10.48
CA ALA C 18 5.58 13.58 -11.50
C ALA C 18 7.10 13.52 -11.61
N PHE C 19 7.61 12.30 -11.77
CA PHE C 19 9.01 11.96 -11.94
C PHE C 19 9.18 11.24 -13.26
N ALA C 20 10.33 11.42 -13.92
CA ALA C 20 10.62 10.70 -15.16
C ALA C 20 11.85 9.82 -15.05
N ASN C 21 11.76 8.63 -15.66
CA ASN C 21 12.85 7.67 -15.69
C ASN C 21 12.81 6.90 -17.01
N SER C 22 13.21 7.53 -18.11
CA SER C 22 13.08 6.92 -19.43
C SER C 22 13.87 7.78 -20.42
N SER C 23 14.27 7.14 -21.53
CA SER C 23 14.80 7.90 -22.66
C SER C 23 13.72 8.66 -23.42
N GLY C 24 12.47 8.25 -23.29
CA GLY C 24 11.38 8.94 -23.95
C GLY C 24 10.88 10.13 -23.16
N THR C 25 10.48 11.19 -23.88
CA THR C 25 9.84 12.32 -23.21
C THR C 25 8.46 11.94 -22.67
N GLN C 26 8.28 12.15 -21.39
CA GLN C 26 7.01 11.82 -20.73
C GLN C 26 6.07 13.03 -20.78
N THR C 27 4.79 12.79 -21.06
CA THR C 27 3.76 13.80 -20.88
C THR C 27 2.77 13.27 -19.85
N VAL C 28 2.60 14.02 -18.76
CA VAL C 28 1.66 13.67 -17.71
C VAL C 28 0.54 14.69 -17.71
N ASN C 29 -0.69 14.22 -17.85
CA ASN C 29 -1.86 15.07 -17.72
C ASN C 29 -2.64 14.64 -16.49
N VAL C 30 -3.07 15.61 -15.70
CA VAL C 30 -3.86 15.36 -14.51
C VAL C 30 -5.23 15.99 -14.73
N LEU C 31 -6.27 15.14 -14.69
CA LEU C 31 -7.64 15.55 -14.97
C LEU C 31 -8.41 15.57 -13.65
N VAL C 32 -9.15 16.65 -13.41
CA VAL C 32 -10.04 16.75 -12.27
C VAL C 32 -11.43 16.99 -12.83
N ASN C 33 -12.40 16.13 -12.47
CA ASN C 33 -13.75 16.28 -13.02
C ASN C 33 -13.74 16.26 -14.54
N ASN C 34 -12.86 15.44 -15.11
CA ASN C 34 -12.72 15.26 -16.56
C ASN C 34 -12.21 16.50 -17.29
N GLU C 35 -11.59 17.44 -16.60
CA GLU C 35 -10.95 18.58 -17.26
C GLU C 35 -9.47 18.56 -16.93
N THR C 36 -8.62 18.81 -17.93
CA THR C 36 -7.19 18.83 -17.68
C THR C 36 -6.84 20.00 -16.77
N ALA C 37 -6.24 19.68 -15.63
CA ALA C 37 -5.93 20.67 -14.61
C ALA C 37 -4.46 20.96 -14.48
N ALA C 38 -3.60 20.02 -14.86
CA ALA C 38 -2.16 20.22 -14.85
C ALA C 38 -1.55 19.35 -15.93
N THR C 39 -0.45 19.83 -16.50
CA THR C 39 0.29 19.04 -17.47
C THR C 39 1.78 19.28 -17.28
N PHE C 40 2.55 18.20 -17.31
CA PHE C 40 4.00 18.24 -17.14
C PHE C 40 4.63 17.45 -18.28
N SER C 41 5.76 17.92 -18.81
CA SER C 41 6.47 17.12 -19.80
C SER C 41 7.96 17.18 -19.54
N GLY C 42 8.67 16.11 -19.84
CA GLY C 42 10.12 16.20 -19.73
C GLY C 42 10.75 14.84 -19.92
N GLN C 43 12.06 14.87 -20.08
CA GLN C 43 12.83 13.65 -20.26
C GLN C 43 13.91 13.59 -19.21
N SER C 44 13.96 12.48 -18.47
CA SER C 44 15.00 12.24 -17.50
C SER C 44 15.18 10.74 -17.35
N THR C 45 16.41 10.29 -17.17
CA THR C 45 16.66 8.95 -16.66
C THR C 45 17.12 8.95 -15.21
N ASN C 46 16.93 10.06 -14.51
CA ASN C 46 17.44 10.24 -13.16
C ASN C 46 16.40 10.85 -12.27
N ASN C 47 15.11 10.49 -12.47
CA ASN C 47 14.07 10.81 -11.51
C ASN C 47 13.83 12.31 -11.34
N ALA C 48 14.07 13.11 -12.40
CA ALA C 48 13.74 14.53 -12.31
C ALA C 48 12.27 14.69 -11.95
N VAL C 49 11.96 15.70 -11.15
CA VAL C 49 10.58 16.12 -10.91
C VAL C 49 10.16 16.98 -12.10
N ILE C 50 9.47 16.37 -13.05
CA ILE C 50 9.05 17.12 -14.24
C ILE C 50 7.88 18.03 -13.96
N GLY C 51 7.24 17.91 -12.80
CA GLY C 51 6.29 18.91 -12.37
C GLY C 51 5.73 18.59 -11.00
N THR C 52 5.32 19.62 -10.27
CA THR C 52 4.57 19.44 -9.03
C THR C 52 3.62 20.62 -8.93
N GLN C 53 2.38 20.37 -8.50
CA GLN C 53 1.36 21.41 -8.45
C GLN C 53 0.38 21.08 -7.34
N VAL C 54 -0.32 22.09 -6.85
CA VAL C 54 -1.44 21.95 -5.92
C VAL C 54 -2.71 22.18 -6.69
N LEU C 55 -3.67 21.25 -6.56
CA LEU C 55 -4.95 21.34 -7.23
C LEU C 55 -6.06 21.19 -6.19
N ASN C 56 -7.28 21.52 -6.59
CA ASN C 56 -8.45 21.28 -5.74
C ASN C 56 -9.30 20.17 -6.36
N SER C 57 -9.70 19.18 -5.54
CA SER C 57 -10.50 18.08 -6.07
C SER C 57 -11.89 18.52 -6.52
N GLY C 58 -12.35 19.70 -6.08
CA GLY C 58 -13.61 20.23 -6.53
C GLY C 58 -14.82 19.45 -6.05
N SER C 59 -15.97 19.76 -6.67
CA SER C 59 -17.22 19.13 -6.24
C SER C 59 -17.27 17.64 -6.55
N SER C 60 -16.54 17.16 -7.59
CA SER C 60 -16.60 15.74 -7.96
C SER C 60 -15.67 14.85 -7.16
N GLY C 61 -14.47 15.31 -6.88
CA GLY C 61 -13.45 14.45 -6.37
C GLY C 61 -12.80 13.48 -7.36
N LYS C 62 -13.24 13.45 -8.62
CA LYS C 62 -12.67 12.50 -9.57
C LYS C 62 -11.35 13.01 -10.12
N VAL C 63 -10.27 12.27 -9.88
CA VAL C 63 -8.94 12.65 -10.36
C VAL C 63 -8.40 11.51 -11.22
N GLN C 64 -7.94 11.84 -12.41
CA GLN C 64 -7.38 10.84 -13.31
C GLN C 64 -6.00 11.29 -13.79
N VAL C 65 -5.04 10.38 -13.77
CA VAL C 65 -3.70 10.60 -14.31
C VAL C 65 -3.59 9.87 -15.63
N GLN C 66 -3.11 10.58 -16.66
CA GLN C 66 -2.82 9.98 -17.96
C GLN C 66 -1.36 10.24 -18.29
N VAL C 67 -0.69 9.25 -18.86
CA VAL C 67 0.70 9.37 -19.24
C VAL C 67 0.84 8.95 -20.69
N SER C 68 1.56 9.74 -21.49
CA SER C 68 1.80 9.36 -22.86
C SER C 68 3.20 9.77 -23.26
N VAL C 69 3.70 9.14 -24.31
CA VAL C 69 4.99 9.49 -24.88
C VAL C 69 4.75 9.77 -26.36
N ASN C 70 4.96 11.02 -26.78
CA ASN C 70 4.66 11.44 -28.17
C ASN C 70 3.27 10.98 -28.62
N GLY C 71 2.29 11.11 -27.73
CA GLY C 71 0.91 10.82 -28.08
C GLY C 71 0.47 9.38 -27.83
N ARG C 72 1.40 8.48 -27.52
CA ARG C 72 1.05 7.08 -27.27
C ARG C 72 0.83 6.85 -25.78
N PRO C 73 -0.37 6.41 -25.36
CA PRO C 73 -0.60 6.16 -23.93
C PRO C 73 0.31 5.06 -23.39
N SER C 74 0.89 5.32 -22.23
CA SER C 74 1.62 4.30 -21.49
C SER C 74 0.67 3.43 -20.67
N ASP C 75 1.11 2.21 -20.38
CA ASP C 75 0.32 1.32 -19.52
C ASP C 75 0.52 1.74 -18.08
N LEU C 76 -0.56 1.88 -17.34
CA LEU C 76 -0.50 2.39 -15.97
C LEU C 76 -0.70 1.29 -14.92
N VAL C 77 -0.11 1.50 -13.74
CA VAL C 77 -0.41 0.71 -12.56
C VAL C 77 -0.63 1.73 -11.45
N SER C 78 -1.53 1.40 -10.50
CA SER C 78 -1.85 2.40 -9.48
C SER C 78 -2.40 1.75 -8.23
N ALA C 79 -2.37 2.51 -7.12
CA ALA C 79 -3.04 2.11 -5.88
C ALA C 79 -3.14 3.34 -5.00
N GLN C 80 -3.98 3.27 -3.97
CA GLN C 80 -4.07 4.32 -2.96
C GLN C 80 -3.75 3.70 -1.60
N VAL C 81 -2.97 4.39 -0.78
CA VAL C 81 -2.64 3.93 0.57
C VAL C 81 -2.98 5.03 1.55
N ILE C 82 -3.49 4.63 2.71
CA ILE C 82 -3.87 5.54 3.78
C ILE C 82 -3.12 5.14 5.04
N LEU C 83 -2.41 6.11 5.63
CA LEU C 83 -1.67 5.93 6.87
C LEU C 83 -2.38 6.64 8.02
N THR C 84 -2.38 5.98 9.19
CA THR C 84 -3.04 6.43 10.41
C THR C 84 -4.43 7.00 10.12
N ASN C 85 -5.13 6.38 9.16
CA ASN C 85 -6.53 6.70 8.87
C ASN C 85 -6.75 8.14 8.43
N GLU C 86 -5.71 8.80 7.89
CA GLU C 86 -5.74 10.24 7.64
C GLU C 86 -4.93 10.68 6.44
N LEU C 87 -3.72 10.16 6.32
CA LEU C 87 -2.74 10.64 5.35
C LEU C 87 -2.84 9.75 4.10
N ASN C 88 -3.17 10.37 2.95
CA ASN C 88 -3.48 9.62 1.74
C ASN C 88 -2.42 9.83 0.66
N PHE C 89 -2.07 8.75 -0.02
CA PHE C 89 -1.23 8.76 -1.20
C PHE C 89 -1.94 8.00 -2.29
N ALA C 90 -2.04 8.60 -3.47
CA ALA C 90 -2.45 7.90 -4.68
C ALA C 90 -1.24 7.81 -5.59
N LEU C 91 -0.91 6.58 -6.00
CA LEU C 91 0.37 6.27 -6.61
C LEU C 91 0.15 5.73 -8.00
N VAL C 92 0.95 6.19 -8.98
CA VAL C 92 0.86 5.73 -10.36
C VAL C 92 2.26 5.43 -10.87
N GLY C 93 2.43 4.26 -11.49
CA GLY C 93 3.57 3.95 -12.32
C GLY C 93 3.10 3.82 -13.75
N SER C 94 4.06 3.83 -14.68
CA SER C 94 3.72 3.75 -16.09
C SER C 94 4.87 3.15 -16.87
N GLU C 95 4.52 2.44 -17.95
CA GLU C 95 5.50 1.76 -18.78
C GLU C 95 5.30 2.18 -20.22
N ASP C 96 6.36 2.75 -20.82
CA ASP C 96 6.31 3.24 -22.19
C ASP C 96 6.97 2.29 -23.18
N GLY C 97 7.48 1.15 -22.72
CA GLY C 97 8.25 0.27 -23.57
C GLY C 97 8.05 -1.17 -23.22
N THR C 98 9.13 -1.94 -23.21
CA THR C 98 9.07 -3.37 -23.08
C THR C 98 9.78 -3.94 -21.85
N ASP C 99 10.54 -3.12 -21.10
CA ASP C 99 11.34 -3.66 -20.00
C ASP C 99 10.54 -3.84 -18.71
N ASN C 100 9.35 -3.25 -18.63
CA ASN C 100 8.42 -3.43 -17.51
C ASN C 100 8.99 -2.98 -16.16
N ASP C 101 9.80 -1.92 -16.18
CA ASP C 101 10.16 -1.30 -14.92
C ASP C 101 9.08 -0.40 -14.35
N TYR C 102 8.12 0.04 -15.16
CA TYR C 102 6.96 0.80 -14.70
C TYR C 102 7.33 2.08 -13.96
N ASN C 103 8.51 2.65 -14.23
CA ASN C 103 8.92 3.89 -13.59
C ASN C 103 9.06 5.04 -14.59
N ASP C 104 8.58 4.85 -15.81
CA ASP C 104 9.00 5.75 -16.88
C ASP C 104 8.44 7.14 -16.64
N ALA C 105 7.19 7.20 -16.18
CA ALA C 105 6.69 8.32 -15.40
C ALA C 105 6.06 7.75 -14.14
N VAL C 106 6.39 8.34 -13.01
CA VAL C 106 5.84 7.99 -11.72
C VAL C 106 5.11 9.21 -11.22
N VAL C 107 3.88 9.04 -10.73
CA VAL C 107 3.08 10.17 -10.26
C VAL C 107 2.61 9.87 -8.85
N VAL C 108 2.77 10.85 -7.96
CA VAL C 108 2.34 10.73 -6.58
C VAL C 108 1.39 11.86 -6.30
N ILE C 109 0.20 11.51 -5.78
CA ILE C 109 -0.80 12.46 -5.33
C ILE C 109 -0.89 12.33 -3.82
N ASN C 110 -0.89 13.45 -3.11
CA ASN C 110 -0.95 13.41 -1.66
C ASN C 110 -1.97 14.40 -1.10
N TRP C 111 -2.69 13.97 -0.07
CA TRP C 111 -3.60 14.84 0.66
C TRP C 111 -3.78 14.30 2.06
N PRO C 112 -4.26 15.10 3.01
CA PRO C 112 -4.55 16.54 2.90
C PRO C 112 -3.28 17.38 2.86
N LEU C 113 -3.45 18.64 2.46
CA LEU C 113 -2.40 19.64 2.50
C LEU C 113 -2.65 20.59 3.66
N GLY C 114 -1.68 21.50 3.85
CA GLY C 114 -1.85 22.59 4.79
C GLY C 114 -1.40 22.27 6.21
N ALA D 1 -0.30 -4.33 -16.96
CA ALA D 1 0.85 -4.91 -16.26
C ALA D 1 0.43 -6.23 -15.67
N THR D 2 1.42 -7.10 -15.48
CA THR D 2 1.17 -8.37 -14.82
C THR D 2 0.67 -8.13 -13.38
N GLN D 3 -0.29 -8.95 -12.95
CA GLN D 3 -0.85 -8.88 -11.60
C GLN D 3 -0.91 -10.28 -11.02
N GLY D 4 -0.92 -10.34 -9.69
CA GLY D 4 -0.95 -11.62 -9.01
C GLY D 4 0.33 -12.38 -8.98
N VAL D 5 1.45 -11.75 -9.38
CA VAL D 5 2.77 -12.37 -9.35
C VAL D 5 3.61 -11.66 -8.29
N PHE D 6 4.24 -12.41 -7.42
CA PHE D 6 4.99 -11.84 -6.33
C PHE D 6 6.31 -12.57 -6.17
N THR D 7 7.38 -11.82 -5.97
CA THR D 7 8.66 -12.42 -5.65
C THR D 7 8.83 -12.39 -4.13
N LEU D 8 8.79 -13.55 -3.51
CA LEU D 8 8.97 -13.65 -2.07
C LEU D 8 10.43 -13.95 -1.81
N PRO D 9 10.91 -13.75 -0.58
CA PRO D 9 12.25 -14.24 -0.23
C PRO D 9 12.29 -15.74 -0.49
N ALA D 10 13.41 -16.22 -1.03
CA ALA D 10 13.52 -17.65 -1.33
C ALA D 10 13.38 -18.51 -0.07
N ASN D 11 12.81 -19.69 -0.24
CA ASN D 11 12.78 -20.72 0.83
C ASN D 11 12.13 -20.18 2.09
N THR D 12 11.02 -19.48 1.92
CA THR D 12 10.35 -18.84 3.05
C THR D 12 8.90 -19.30 3.13
N ARG D 13 8.48 -19.64 4.33
CA ARG D 13 7.09 -20.03 4.56
C ARG D 13 6.19 -18.82 4.43
N PHE D 14 5.01 -19.04 3.83
CA PHE D 14 4.02 -17.98 3.73
C PHE D 14 2.63 -18.59 3.89
N GLY D 15 1.68 -17.76 4.31
CA GLY D 15 0.29 -18.15 4.40
C GLY D 15 -0.45 -17.66 3.16
N VAL D 16 -1.44 -18.41 2.73
CA VAL D 16 -2.36 -17.97 1.67
C VAL D 16 -3.78 -18.34 2.06
N THR D 17 -4.70 -17.39 1.91
CA THR D 17 -6.10 -17.54 2.32
C THR D 17 -6.94 -16.89 1.24
N ALA D 18 -8.04 -17.54 0.87
CA ALA D 18 -8.92 -17.05 -0.19
C ALA D 18 -10.35 -16.93 0.33
N PHE D 19 -11.05 -15.89 -0.12
CA PHE D 19 -12.44 -15.59 0.23
C PHE D 19 -13.21 -15.45 -1.06
N ALA D 20 -14.50 -15.78 -1.03
CA ALA D 20 -15.32 -15.70 -2.24
C ALA D 20 -16.47 -14.72 -2.05
N ASN D 21 -16.79 -13.98 -3.12
CA ASN D 21 -17.88 -13.01 -3.13
C ASN D 21 -18.49 -12.98 -4.54
N SER D 22 -19.19 -14.06 -4.91
CA SER D 22 -19.67 -14.16 -6.29
C SER D 22 -20.66 -15.30 -6.37
N SER D 23 -21.60 -15.18 -7.31
CA SER D 23 -22.44 -16.31 -7.63
C SER D 23 -21.66 -17.46 -8.29
N GLY D 24 -20.51 -17.18 -8.90
CA GLY D 24 -19.75 -18.22 -9.56
C GLY D 24 -18.82 -18.94 -8.59
N THR D 25 -18.65 -20.24 -8.81
CA THR D 25 -17.68 -21.01 -8.02
C THR D 25 -16.28 -20.57 -8.40
N GLN D 26 -15.49 -20.19 -7.40
CA GLN D 26 -14.15 -19.69 -7.64
C GLN D 26 -13.15 -20.83 -7.50
N THR D 27 -12.21 -20.90 -8.43
CA THR D 27 -11.07 -21.79 -8.32
C THR D 27 -9.81 -20.94 -8.22
N VAL D 28 -9.14 -21.01 -7.09
CA VAL D 28 -7.92 -20.25 -6.84
C VAL D 28 -6.74 -21.21 -6.89
N ASN D 29 -5.81 -20.98 -7.80
CA ASN D 29 -4.60 -21.76 -7.87
C ASN D 29 -3.45 -20.90 -7.36
N VAL D 30 -2.66 -21.44 -6.45
CA VAL D 30 -1.46 -20.77 -5.96
C VAL D 30 -0.28 -21.56 -6.48
N LEU D 31 0.54 -20.90 -7.30
CA LEU D 31 1.65 -21.54 -7.97
C LEU D 31 2.94 -21.09 -7.34
N VAL D 32 3.87 -22.01 -7.17
CA VAL D 32 5.21 -21.71 -6.73
C VAL D 32 6.14 -22.14 -7.86
N ASN D 33 6.87 -21.17 -8.44
CA ASN D 33 7.67 -21.41 -9.64
C ASN D 33 6.87 -22.11 -10.74
N ASN D 34 5.64 -21.65 -10.94
CA ASN D 34 4.77 -22.12 -12.02
C ASN D 34 4.28 -23.55 -11.83
N GLU D 35 4.34 -24.08 -10.62
CA GLU D 35 3.75 -25.36 -10.30
C GLU D 35 2.67 -25.15 -9.27
N THR D 36 1.53 -25.79 -9.46
CA THR D 36 0.43 -25.61 -8.54
C THR D 36 0.82 -26.20 -7.18
N ALA D 37 0.79 -25.36 -6.15
CA ALA D 37 1.13 -25.71 -4.78
C ALA D 37 -0.09 -25.82 -3.88
N ALA D 38 -1.15 -25.08 -4.20
CA ALA D 38 -2.41 -25.22 -3.48
C ALA D 38 -3.51 -24.84 -4.45
N THR D 39 -4.68 -25.45 -4.26
CA THR D 39 -5.86 -25.11 -5.03
C THR D 39 -7.03 -25.04 -4.07
N PHE D 40 -7.77 -23.95 -4.11
CA PHE D 40 -8.96 -23.78 -3.29
C PHE D 40 -10.14 -23.63 -4.21
N SER D 41 -11.27 -24.21 -3.84
CA SER D 41 -12.47 -23.97 -4.62
C SER D 41 -13.68 -23.83 -3.69
N GLY D 42 -14.58 -22.94 -4.06
CA GLY D 42 -15.77 -22.76 -3.26
C GLY D 42 -16.61 -21.66 -3.83
N GLN D 43 -17.79 -21.50 -3.27
CA GLN D 43 -18.72 -20.48 -3.69
C GLN D 43 -19.31 -19.82 -2.46
N SER D 44 -19.37 -18.49 -2.49
CA SER D 44 -19.97 -17.69 -1.43
C SER D 44 -20.23 -16.31 -2.00
N THR D 45 -21.34 -15.70 -1.59
CA THR D 45 -21.54 -14.26 -1.72
C THR D 45 -21.39 -13.54 -0.40
N ASN D 46 -20.82 -14.20 0.59
CA ASN D 46 -20.69 -13.62 1.92
C ASN D 46 -19.27 -13.74 2.44
N ASN D 47 -18.27 -13.64 1.55
CA ASN D 47 -16.88 -13.61 1.98
C ASN D 47 -16.42 -14.88 2.70
N ALA D 48 -17.04 -16.04 2.46
CA ALA D 48 -16.58 -17.24 3.14
C ALA D 48 -15.13 -17.56 2.78
N VAL D 49 -14.39 -18.06 3.77
CA VAL D 49 -13.07 -18.60 3.50
C VAL D 49 -13.24 -19.89 2.69
N ILE D 50 -12.68 -19.91 1.47
CA ILE D 50 -12.73 -21.11 0.63
C ILE D 50 -11.45 -21.90 0.69
N GLY D 51 -10.42 -21.38 1.33
CA GLY D 51 -9.25 -22.18 1.59
C GLY D 51 -8.23 -21.38 2.36
N THR D 52 -7.38 -22.07 3.11
CA THR D 52 -6.22 -21.45 3.74
C THR D 52 -5.16 -22.53 3.87
N GLN D 53 -3.90 -22.15 3.71
CA GLN D 53 -2.84 -23.15 3.71
C GLN D 53 -1.52 -22.43 3.97
N VAL D 54 -0.53 -23.17 4.44
CA VAL D 54 0.84 -22.67 4.58
C VAL D 54 1.69 -23.35 3.51
N LEU D 55 2.41 -22.52 2.75
CA LEU D 55 3.25 -22.95 1.65
C LEU D 55 4.67 -22.43 1.87
N ASN D 56 5.58 -22.83 0.97
CA ASN D 56 6.94 -22.32 0.98
C ASN D 56 7.25 -21.77 -0.41
N SER D 57 7.87 -20.60 -0.47
CA SER D 57 8.20 -19.94 -1.73
C SER D 57 9.24 -20.71 -2.52
N GLY D 58 9.90 -21.70 -1.91
CA GLY D 58 10.85 -22.54 -2.57
C GLY D 58 12.10 -21.82 -3.08
N SER D 59 12.87 -22.60 -3.82
CA SER D 59 14.20 -22.15 -4.19
C SER D 59 14.19 -20.89 -5.07
N SER D 60 13.13 -20.67 -5.84
CA SER D 60 13.07 -19.51 -6.74
C SER D 60 12.40 -18.29 -6.13
N GLY D 61 11.60 -18.46 -5.08
CA GLY D 61 10.83 -17.36 -4.49
C GLY D 61 9.60 -16.94 -5.28
N LYS D 62 9.34 -17.50 -6.44
CA LYS D 62 8.29 -16.98 -7.31
C LYS D 62 6.94 -17.55 -6.92
N VAL D 63 5.98 -16.68 -6.63
CA VAL D 63 4.63 -17.10 -6.27
C VAL D 63 3.64 -16.40 -7.18
N GLN D 64 2.64 -17.14 -7.66
CA GLN D 64 1.63 -16.55 -8.51
C GLN D 64 0.26 -17.04 -8.09
N VAL D 65 -0.72 -16.16 -8.15
CA VAL D 65 -2.12 -16.48 -7.89
C VAL D 65 -2.86 -16.41 -9.21
N GLN D 66 -3.62 -17.44 -9.51
CA GLN D 66 -4.49 -17.47 -10.67
C GLN D 66 -5.90 -17.79 -10.17
N VAL D 67 -6.90 -17.13 -10.76
CA VAL D 67 -8.30 -17.38 -10.39
C VAL D 67 -9.07 -17.66 -11.65
N SER D 68 -9.90 -18.70 -11.60
CA SER D 68 -10.77 -19.01 -12.72
C SER D 68 -12.16 -19.38 -12.22
N VAL D 69 -13.12 -19.23 -13.10
CA VAL D 69 -14.49 -19.56 -12.81
C VAL D 69 -14.93 -20.41 -13.98
N ASN D 70 -15.10 -21.71 -13.74
CA ASN D 70 -15.49 -22.69 -14.76
C ASN D 70 -14.59 -22.63 -16.00
N GLY D 71 -13.28 -22.61 -15.75
CA GLY D 71 -12.31 -22.61 -16.82
C GLY D 71 -12.03 -21.27 -17.46
N ARG D 72 -12.71 -20.20 -17.06
CA ARG D 72 -12.46 -18.87 -17.61
C ARG D 72 -11.60 -18.11 -16.62
N PRO D 73 -10.38 -17.70 -16.98
CA PRO D 73 -9.59 -16.91 -16.06
C PRO D 73 -10.25 -15.58 -15.72
N SER D 74 -10.17 -15.19 -14.44
CA SER D 74 -10.64 -13.87 -14.02
C SER D 74 -9.52 -12.85 -14.18
N ASP D 75 -9.90 -11.58 -14.36
CA ASP D 75 -8.91 -10.51 -14.35
C ASP D 75 -8.49 -10.20 -12.91
N LEU D 76 -7.21 -9.92 -12.70
CA LEU D 76 -6.68 -9.72 -11.36
C LEU D 76 -6.22 -8.29 -11.15
N VAL D 77 -6.30 -7.82 -9.90
CA VAL D 77 -5.63 -6.62 -9.43
C VAL D 77 -4.84 -7.02 -8.19
N SER D 78 -3.68 -6.42 -7.98
CA SER D 78 -2.85 -6.87 -6.86
C SER D 78 -1.89 -5.76 -6.43
N ALA D 79 -1.35 -5.91 -5.23
CA ALA D 79 -0.27 -5.07 -4.74
C ALA D 79 0.36 -5.78 -3.55
N GLN D 80 1.55 -5.31 -3.15
CA GLN D 80 2.21 -5.75 -1.93
C GLN D 80 2.40 -4.57 -0.99
N VAL D 81 2.19 -4.77 0.29
CA VAL D 81 2.36 -3.73 1.30
C VAL D 81 3.24 -4.28 2.39
N ILE D 82 4.16 -3.45 2.90
CA ILE D 82 5.07 -3.84 3.98
C ILE D 82 4.90 -2.85 5.11
N LEU D 83 4.60 -3.36 6.31
CA LEU D 83 4.42 -2.55 7.49
C LEU D 83 5.63 -2.74 8.43
N THR D 84 6.08 -1.62 9.01
CA THR D 84 7.26 -1.55 9.88
C THR D 84 8.47 -2.32 9.34
N ASN D 85 8.64 -2.27 8.01
CA ASN D 85 9.80 -2.83 7.33
C ASN D 85 9.96 -4.31 7.59
N GLU D 86 8.85 -5.02 7.86
CA GLU D 86 8.93 -6.41 8.29
C GLU D 86 7.75 -7.27 7.87
N LEU D 87 6.54 -6.76 8.05
CA LEU D 87 5.33 -7.56 7.88
C LEU D 87 4.82 -7.36 6.47
N ASN D 88 4.71 -8.44 5.70
CA ASN D 88 4.40 -8.36 4.29
C ASN D 88 3.01 -8.90 4.00
N PHE D 89 2.27 -8.19 3.14
CA PHE D 89 1.00 -8.65 2.58
C PHE D 89 1.08 -8.60 1.07
N ALA D 90 0.69 -9.67 0.40
CA ALA D 90 0.50 -9.64 -1.04
C ALA D 90 -0.99 -9.89 -1.24
N LEU D 91 -1.67 -8.96 -1.90
CA LEU D 91 -3.11 -8.87 -1.93
C LEU D 91 -3.59 -9.01 -3.37
N VAL D 92 -4.64 -9.79 -3.57
CA VAL D 92 -5.20 -10.00 -4.89
C VAL D 92 -6.71 -9.86 -4.82
N GLY D 93 -7.28 -9.14 -5.78
CA GLY D 93 -8.71 -9.19 -6.07
C GLY D 93 -8.90 -9.68 -7.48
N SER D 94 -10.11 -10.15 -7.77
CA SER D 94 -10.34 -10.71 -9.10
C SER D 94 -11.78 -10.43 -9.53
N GLU D 95 -11.97 -10.35 -10.85
CA GLU D 95 -13.26 -10.02 -11.43
C GLU D 95 -13.65 -11.08 -12.45
N ASP D 96 -14.79 -11.73 -12.21
CA ASP D 96 -15.28 -12.79 -13.08
C ASP D 96 -16.43 -12.33 -13.98
N GLY D 97 -16.84 -11.07 -13.88
CA GLY D 97 -18.08 -10.61 -14.47
C GLY D 97 -17.99 -9.21 -15.04
N THR D 98 -19.06 -8.43 -14.90
CA THR D 98 -19.10 -7.10 -15.48
C THR D 98 -19.24 -5.97 -14.47
N ASP D 99 -19.44 -6.26 -13.18
CA ASP D 99 -19.68 -5.18 -12.24
C ASP D 99 -18.41 -4.52 -11.73
N ASN D 100 -17.24 -5.16 -11.93
CA ASN D 100 -15.95 -4.57 -11.56
C ASN D 100 -15.85 -4.29 -10.07
N ASP D 101 -16.46 -5.15 -9.26
CA ASP D 101 -16.20 -5.05 -7.82
C ASP D 101 -14.87 -5.68 -7.42
N TYR D 102 -14.31 -6.55 -8.24
CA TYR D 102 -12.98 -7.11 -8.01
C TYR D 102 -12.84 -7.88 -6.68
N ASN D 103 -13.95 -8.39 -6.13
CA ASN D 103 -13.92 -9.16 -4.90
C ASN D 103 -14.33 -10.60 -5.10
N ASP D 104 -14.42 -11.06 -6.35
CA ASP D 104 -15.12 -12.32 -6.61
C ASP D 104 -14.37 -13.49 -5.98
N ALA D 105 -13.05 -13.48 -6.10
CA ALA D 105 -12.17 -14.15 -5.16
C ALA D 105 -11.18 -13.11 -4.68
N VAL D 106 -10.98 -13.06 -3.37
CA VAL D 106 -9.98 -12.19 -2.74
C VAL D 106 -8.95 -13.11 -2.14
N VAL D 107 -7.67 -12.85 -2.38
CA VAL D 107 -6.61 -13.72 -1.90
C VAL D 107 -5.62 -12.88 -1.10
N VAL D 108 -5.27 -13.35 0.09
CA VAL D 108 -4.32 -12.68 0.98
C VAL D 108 -3.16 -13.62 1.20
N ILE D 109 -1.95 -13.16 0.85
CA ILE D 109 -0.71 -13.86 1.16
C ILE D 109 0.02 -13.07 2.24
N ASN D 110 0.48 -13.74 3.29
CA ASN D 110 1.18 -13.02 4.36
C ASN D 110 2.45 -13.74 4.78
N TRP D 111 3.50 -12.96 5.07
CA TRP D 111 4.73 -13.51 5.62
C TRP D 111 5.43 -12.40 6.38
N PRO D 112 6.39 -12.73 7.25
CA PRO D 112 6.81 -14.07 7.66
C PRO D 112 5.77 -14.69 8.59
N LEU D 113 5.89 -16.00 8.74
CA LEU D 113 5.04 -16.74 9.69
C LEU D 113 5.86 -17.07 10.92
N GLY D 114 5.19 -17.64 11.91
CA GLY D 114 5.88 -18.18 13.08
C GLY D 114 6.06 -17.21 14.23
N PRO E 2 24.73 8.06 -33.94
CA PRO E 2 24.64 8.67 -32.62
C PRO E 2 25.32 10.05 -32.61
N CYS E 4 23.81 13.13 -31.76
CA CYS E 4 22.94 14.31 -31.79
C CYS E 4 21.66 14.13 -31.00
N ALA E 6 19.43 11.63 -31.40
CA ALA E 6 18.40 10.99 -32.19
C ALA E 6 18.09 9.60 -31.66
N LYS E 8 14.80 7.77 -29.32
CA LYS E 8 13.47 7.66 -28.77
C LYS E 8 13.01 8.94 -28.08
N ALA E 9 13.91 9.90 -27.90
#